data_9AT4
#
_entry.id   9AT4
#
_cell.length_a   55.300
_cell.length_b   98.597
_cell.length_c   59.045
_cell.angle_alpha   90.00
_cell.angle_beta   108.01
_cell.angle_gamma   90.00
#
_symmetry.space_group_name_H-M   'P 1 21 1'
#
loop_
_entity.id
_entity.type
_entity.pdbx_description
1 polymer '3C-like proteinase nsp5'
2 non-polymer '(1S,2S)-2-{[N-({[(2S)-1-{[(1S,2S,4R)-bicyclo[2.2.1]heptan-2-yl]methyl}-5-oxopyrrolidin-2-yl]methoxy}carbonyl)-L-leucyl]amino}-1-hydroxy-3-[(3S)-2-oxopyrrolidin-3-yl]propane-1-sulfonic acid'
3 non-polymer '(1R,2S)-2-{[N-({[(2S)-1-{[(1S,2S,4R)-bicyclo[2.2.1]heptan-2-yl]methyl}-5-oxopyrrolidin-2-yl]methoxy}carbonyl)-L-leucyl]amino}-1-hydroxy-3-[(3S)-2-oxopyrrolidin-3-yl]propane-1-sulfonic acid'
4 non-polymer 'TETRAETHYLENE GLYCOL'
5 water water
#
_entity_poly.entity_id   1
_entity_poly.type   'polypeptide(L)'
_entity_poly.pdbx_seq_one_letter_code
;SNIGSGFRKMAFPSGKVEGCMVQVTCGTTTLNGLWLDDVVYCPRHVICTSEDMLNPNYEDLLIRKSNHNFLVQAGNVQLR
VIGHSMQNCVLKLKVDTANPKTPKYKFVRIQPGQTFSVLACYNGSPSGVYQCAMRPNFTIKGSFLNGSCGSVGFNIDYDC
VSFCYMHHMELPTGVHAGTDLEGNFYGPFVDRQTAQAAGTDTTITVNVLAWLYAAVINGDRWFLNRFTTTLNDFNLVAMK
YNYEPLTQDHVDILGPLSAQTGIAVLDMCASLKELLQNGMNGRTILGSALLEDEFTPFDVVRQCSGVT
;
_entity_poly.pdbx_strand_id   A,B
#
# COMPACT_ATOMS: atom_id res chain seq x y z
N GLY A 6 -1.84 6.54 -14.01
CA GLY A 6 -0.78 6.05 -13.13
C GLY A 6 -0.86 4.56 -12.87
N PHE A 7 0.18 4.02 -12.25
CA PHE A 7 0.24 2.58 -11.98
C PHE A 7 1.16 2.34 -10.79
N ARG A 8 0.61 1.82 -9.70
CA ARG A 8 1.37 1.67 -8.47
C ARG A 8 0.93 0.39 -7.78
N LYS A 9 1.73 -0.02 -6.78
CA LYS A 9 1.42 -1.21 -6.03
C LYS A 9 0.11 -0.98 -5.30
N MET A 10 -0.83 -1.89 -5.50
CA MET A 10 -2.13 -1.80 -4.88
C MET A 10 -2.39 -3.08 -4.09
N ALA A 11 -2.75 -2.94 -2.82
CA ALA A 11 -3.13 -4.06 -2.00
C ALA A 11 -4.63 -4.28 -2.03
N PHE A 12 -5.05 -5.49 -1.72
CA PHE A 12 -6.48 -5.72 -1.56
C PHE A 12 -7.00 -4.99 -0.32
N PRO A 13 -8.26 -4.58 -0.33
CA PRO A 13 -8.85 -4.03 0.91
C PRO A 13 -8.76 -5.07 2.01
N SER A 14 -8.34 -4.63 3.19
CA SER A 14 -7.94 -5.54 4.25
C SER A 14 -9.02 -5.83 5.28
N GLY A 15 -10.19 -5.19 5.17
CA GLY A 15 -11.19 -5.29 6.23
C GLY A 15 -11.59 -6.72 6.58
N LYS A 16 -11.77 -7.56 5.57
CA LYS A 16 -12.21 -8.93 5.86
C LYS A 16 -11.17 -9.68 6.68
N VAL A 17 -9.89 -9.34 6.55
CA VAL A 17 -8.85 -9.97 7.33
C VAL A 17 -8.71 -9.32 8.70
N GLU A 18 -8.86 -7.98 8.76
CA GLU A 18 -8.77 -7.28 10.03
C GLU A 18 -9.71 -7.87 11.08
N GLY A 19 -10.92 -8.23 10.65
CA GLY A 19 -11.90 -8.80 11.55
C GLY A 19 -11.53 -10.15 12.09
N CYS A 20 -10.42 -10.73 11.64
CA CYS A 20 -9.96 -12.03 12.09
C CYS A 20 -8.71 -11.98 12.95
N MET A 21 -8.12 -10.81 13.14
CA MET A 21 -6.84 -10.79 13.84
C MET A 21 -7.05 -10.69 15.34
N VAL A 22 -6.27 -11.49 16.06
CA VAL A 22 -6.28 -11.53 17.52
C VAL A 22 -4.85 -11.58 18.01
N GLN A 23 -4.69 -11.36 19.31
CA GLN A 23 -3.40 -11.47 19.98
C GLN A 23 -3.31 -12.80 20.71
N VAL A 24 -2.14 -13.45 20.60
CA VAL A 24 -1.89 -14.72 21.29
C VAL A 24 -0.63 -14.57 22.13
N THR A 25 -0.73 -14.93 23.41
CA THR A 25 0.39 -14.85 24.33
C THR A 25 0.61 -16.21 24.99
N CYS A 26 1.87 -16.62 25.07
CA CYS A 26 2.28 -17.79 25.83
C CYS A 26 3.56 -17.41 26.55
N GLY A 27 3.53 -17.45 27.88
CA GLY A 27 4.68 -16.98 28.63
C GLY A 27 4.91 -15.51 28.37
N THR A 28 6.16 -15.16 28.04
CA THR A 28 6.50 -13.77 27.76
C THR A 28 6.53 -13.48 26.28
N THR A 29 6.01 -14.38 25.44
CA THR A 29 5.97 -14.18 23.99
C THR A 29 4.56 -13.83 23.54
N THR A 30 4.43 -12.74 22.78
CA THR A 30 3.17 -12.33 22.20
C THR A 30 3.35 -12.21 20.71
N LEU A 31 2.37 -12.72 19.97
CA LEU A 31 2.30 -12.54 18.54
C LEU A 31 0.83 -12.51 18.12
N ASN A 32 0.58 -12.55 16.82
CA ASN A 32 -0.77 -12.47 16.28
C ASN A 32 -1.29 -13.85 15.93
N GLY A 33 -2.63 -13.98 15.99
CA GLY A 33 -3.31 -15.13 15.48
C GLY A 33 -4.43 -14.74 14.54
N LEU A 34 -4.86 -15.71 13.74
CA LEU A 34 -5.94 -15.59 12.78
C LEU A 34 -7.12 -16.41 13.27
N TRP A 35 -8.23 -15.73 13.57
CA TRP A 35 -9.41 -16.34 14.17
C TRP A 35 -10.48 -16.54 13.11
N LEU A 36 -10.69 -17.80 12.74
CA LEU A 36 -11.67 -18.18 11.73
C LEU A 36 -12.60 -19.18 12.36
N ASP A 37 -13.91 -18.89 12.36
CA ASP A 37 -14.89 -19.75 13.03
C ASP A 37 -14.45 -19.90 14.47
N ASP A 38 -14.25 -21.12 14.98
CA ASP A 38 -13.85 -21.30 16.38
C ASP A 38 -12.39 -21.72 16.54
N VAL A 39 -11.52 -21.37 15.61
CA VAL A 39 -10.12 -21.77 15.67
C VAL A 39 -9.22 -20.56 15.44
N VAL A 40 -8.17 -20.46 16.23
CA VAL A 40 -7.15 -19.43 16.09
C VAL A 40 -5.86 -20.11 15.63
N TYR A 41 -5.35 -19.64 14.49
CA TYR A 41 -4.13 -20.16 13.88
C TYR A 41 -2.98 -19.21 14.19
N CYS A 42 -1.84 -19.74 14.60
CA CYS A 42 -0.71 -18.85 14.89
C CYS A 42 0.58 -19.64 14.75
N PRO A 43 1.71 -18.94 14.70
CA PRO A 43 2.99 -19.65 14.62
C PRO A 43 3.26 -20.44 15.90
N ARG A 44 3.72 -21.68 15.73
CA ARG A 44 3.95 -22.51 16.89
C ARG A 44 5.13 -22.03 17.74
N HIS A 45 6.02 -21.18 17.22
CA HIS A 45 7.15 -20.76 18.04
C HIS A 45 6.73 -19.87 19.20
N VAL A 46 5.45 -19.49 19.29
CA VAL A 46 4.95 -18.79 20.46
C VAL A 46 5.21 -19.59 21.73
N ILE A 47 5.34 -20.93 21.64
CA ILE A 47 5.52 -21.72 22.85
C ILE A 47 6.97 -21.82 23.31
N CYS A 48 7.90 -21.30 22.54
CA CYS A 48 9.34 -21.41 22.88
C CYS A 48 9.85 -20.29 23.80
N THR A 49 10.68 -20.62 24.78
CA THR A 49 11.44 -19.68 25.55
C THR A 49 12.76 -19.40 24.82
N SER A 50 13.53 -18.45 25.33
CA SER A 50 14.81 -18.17 24.70
C SER A 50 15.69 -19.42 24.69
N GLU A 51 15.62 -20.23 25.76
CA GLU A 51 16.38 -21.48 25.79
C GLU A 51 15.88 -22.47 24.75
N ASP A 52 14.55 -22.55 24.55
CA ASP A 52 13.99 -23.52 23.63
C ASP A 52 14.35 -23.23 22.19
N MET A 53 14.52 -21.95 21.85
CA MET A 53 14.42 -21.52 20.45
C MET A 53 15.58 -22.01 19.57
N LEU A 54 16.71 -22.40 20.15
CA LEU A 54 17.83 -22.82 19.31
C LEU A 54 17.60 -24.18 18.65
N ASN A 55 16.92 -25.10 19.36
CA ASN A 55 16.64 -26.44 18.82
C ASN A 55 15.36 -26.93 19.49
N PRO A 56 14.21 -26.38 19.06
CA PRO A 56 12.95 -26.66 19.78
C PRO A 56 12.33 -27.98 19.33
N ASN A 57 12.16 -28.91 20.27
CA ASN A 57 11.46 -30.17 20.00
C ASN A 57 9.98 -29.88 20.20
N TYR A 58 9.33 -29.39 19.15
CA TYR A 58 8.01 -28.80 19.28
C TYR A 58 6.96 -29.79 19.83
N GLU A 59 6.99 -31.05 19.39
CA GLU A 59 6.03 -32.01 19.94
C GLU A 59 6.22 -32.15 21.44
N ASP A 60 7.47 -32.18 21.90
CA ASP A 60 7.76 -32.30 23.33
C ASP A 60 7.37 -31.04 24.08
N LEU A 61 7.60 -29.88 23.49
CA LEU A 61 7.25 -28.64 24.17
C LEU A 61 5.74 -28.48 24.25
N LEU A 62 5.03 -28.87 23.20
CA LEU A 62 3.57 -28.66 23.16
C LEU A 62 2.83 -29.58 24.10
N ILE A 63 3.28 -30.84 24.24
CA ILE A 63 2.57 -31.75 25.14
C ILE A 63 2.65 -31.28 26.58
N ARG A 64 3.66 -30.45 26.91
CA ARG A 64 3.83 -29.94 28.26
C ARG A 64 3.00 -28.69 28.53
N LYS A 65 2.31 -28.17 27.50
CA LYS A 65 1.46 -27.00 27.66
C LYS A 65 0.01 -27.41 27.92
N SER A 66 -0.72 -26.53 28.60
CA SER A 66 -2.13 -26.70 28.85
CA SER A 66 -2.13 -26.71 28.84
C SER A 66 -2.90 -25.57 28.17
N ASN A 67 -4.20 -25.80 27.99
CA ASN A 67 -5.03 -24.79 27.33
C ASN A 67 -4.90 -23.42 27.99
N HIS A 68 -4.81 -23.38 29.33
CA HIS A 68 -4.75 -22.11 30.04
C HIS A 68 -3.40 -21.42 29.95
N ASN A 69 -2.39 -22.07 29.35
CA ASN A 69 -1.14 -21.37 29.11
C ASN A 69 -1.22 -20.43 27.92
N PHE A 70 -2.29 -20.52 27.14
CA PHE A 70 -2.48 -19.67 25.97
C PHE A 70 -3.50 -18.60 26.30
N LEU A 71 -3.09 -17.34 26.20
CA LEU A 71 -3.96 -16.19 26.39
C LEU A 71 -4.28 -15.63 25.02
N VAL A 72 -5.55 -15.65 24.63
CA VAL A 72 -6.00 -15.13 23.34
C VAL A 72 -6.92 -13.95 23.62
N GLN A 73 -6.65 -12.81 22.97
CA GLN A 73 -7.45 -11.62 23.17
C GLN A 73 -7.90 -11.07 21.83
N ALA A 74 -9.22 -10.88 21.71
CA ALA A 74 -9.83 -10.19 20.58
C ALA A 74 -10.21 -8.82 21.12
N GLY A 75 -9.41 -7.81 20.81
CA GLY A 75 -9.63 -6.51 21.42
C GLY A 75 -9.51 -6.60 22.93
N ASN A 76 -10.50 -6.04 23.63
CA ASN A 76 -10.54 -6.04 25.09
C ASN A 76 -11.32 -7.22 25.64
N VAL A 77 -11.25 -8.37 25.00
CA VAL A 77 -12.04 -9.54 25.35
C VAL A 77 -11.18 -10.78 25.22
N GLN A 78 -11.16 -11.60 26.26
CA GLN A 78 -10.36 -12.83 26.26
C GLN A 78 -11.19 -13.98 25.73
N LEU A 79 -10.61 -14.76 24.83
CA LEU A 79 -11.23 -15.96 24.28
C LEU A 79 -10.64 -17.19 24.96
N ARG A 80 -11.51 -18.02 25.50
CA ARG A 80 -11.06 -19.17 26.25
C ARG A 80 -10.65 -20.28 25.29
N VAL A 81 -9.42 -20.75 25.43
CA VAL A 81 -8.93 -21.89 24.66
C VAL A 81 -9.44 -23.16 25.31
N ILE A 82 -10.07 -24.02 24.50
CA ILE A 82 -10.62 -25.28 24.97
C ILE A 82 -9.95 -26.49 24.34
N GLY A 83 -8.99 -26.28 23.47
CA GLY A 83 -8.23 -27.37 22.88
C GLY A 83 -7.15 -26.79 22.01
N HIS A 84 -6.16 -27.62 21.70
CA HIS A 84 -5.10 -27.16 20.82
C HIS A 84 -4.51 -28.34 20.05
N SER A 85 -3.95 -28.03 18.89
CA SER A 85 -3.25 -29.03 18.10
C SER A 85 -2.23 -28.29 17.25
N MET A 86 -1.30 -29.05 16.69
CA MET A 86 -0.23 -28.52 15.87
C MET A 86 -0.33 -29.16 14.49
N GLN A 87 -0.22 -28.35 13.45
CA GLN A 87 -0.13 -28.84 12.08
C GLN A 87 1.13 -28.21 11.49
N ASN A 88 2.15 -29.02 11.28
CA ASN A 88 3.44 -28.50 10.82
C ASN A 88 3.86 -27.34 11.73
N CYS A 89 4.14 -26.16 11.18
CA CYS A 89 4.65 -25.07 12.01
C CYS A 89 3.56 -24.14 12.52
N VAL A 90 2.28 -24.50 12.41
CA VAL A 90 1.17 -23.68 12.89
CA VAL A 90 1.20 -23.66 12.92
C VAL A 90 0.50 -24.37 14.06
N LEU A 91 0.12 -23.59 15.05
CA LEU A 91 -0.69 -24.05 16.16
C LEU A 91 -2.12 -23.64 15.89
N LYS A 92 -3.05 -24.55 16.22
CA LYS A 92 -4.48 -24.33 16.05
C LYS A 92 -5.12 -24.38 17.43
N LEU A 93 -5.59 -23.23 17.90
CA LEU A 93 -6.16 -23.11 19.22
C LEU A 93 -7.68 -23.08 19.07
N LYS A 94 -8.35 -24.11 19.58
CA LYS A 94 -9.80 -24.12 19.55
C LYS A 94 -10.29 -23.23 20.68
N VAL A 95 -11.18 -22.31 20.36
CA VAL A 95 -11.78 -21.41 21.35
C VAL A 95 -13.27 -21.71 21.45
N ASP A 96 -13.88 -21.20 22.51
CA ASP A 96 -15.27 -21.54 22.78
C ASP A 96 -16.25 -20.58 22.13
N THR A 97 -15.76 -19.74 21.23
CA THR A 97 -16.52 -18.66 20.63
C THR A 97 -16.22 -18.63 19.13
N ALA A 98 -17.26 -18.54 18.31
CA ALA A 98 -17.09 -18.41 16.86
C ALA A 98 -16.97 -16.95 16.46
N ASN A 99 -16.12 -16.68 15.47
CA ASN A 99 -15.95 -15.32 14.97
C ASN A 99 -17.05 -14.99 13.97
N PRO A 100 -17.99 -14.08 14.31
CA PRO A 100 -19.04 -13.77 13.34
C PRO A 100 -18.53 -12.98 12.15
N LYS A 101 -17.31 -12.45 12.23
CA LYS A 101 -16.71 -11.72 11.13
C LYS A 101 -15.91 -12.63 10.19
N THR A 102 -15.99 -13.94 10.39
CA THR A 102 -15.26 -14.87 9.54
C THR A 102 -15.72 -14.70 8.09
N PRO A 103 -14.84 -14.36 7.17
CA PRO A 103 -15.25 -14.27 5.77
C PRO A 103 -15.31 -15.66 5.14
N LYS A 104 -15.93 -15.74 3.98
CA LYS A 104 -15.68 -16.88 3.12
C LYS A 104 -14.19 -16.94 2.84
N TYR A 105 -13.59 -18.12 2.95
CA TYR A 105 -12.14 -18.18 2.84
C TYR A 105 -11.69 -19.55 2.36
N LYS A 106 -10.45 -19.59 1.89
CA LYS A 106 -9.76 -20.84 1.65
C LYS A 106 -8.30 -20.64 2.00
N PHE A 107 -7.62 -21.76 2.24
CA PHE A 107 -6.19 -21.77 2.42
C PHE A 107 -5.56 -22.27 1.12
N VAL A 108 -4.60 -21.51 0.59
CA VAL A 108 -3.93 -21.89 -0.63
C VAL A 108 -2.42 -21.80 -0.45
N ARG A 109 -1.70 -22.53 -1.27
CA ARG A 109 -0.25 -22.44 -1.30
C ARG A 109 0.10 -21.79 -2.63
N ILE A 110 0.79 -20.65 -2.58
CA ILE A 110 1.09 -19.91 -3.79
C ILE A 110 2.42 -20.35 -4.39
N GLN A 111 2.60 -20.04 -5.65
CA GLN A 111 3.75 -20.37 -6.42
C GLN A 111 4.70 -19.19 -6.47
N PRO A 112 5.99 -19.42 -6.62
CA PRO A 112 6.92 -18.29 -6.76
C PRO A 112 6.49 -17.41 -7.92
N GLY A 113 6.61 -16.11 -7.72
CA GLY A 113 6.21 -15.15 -8.70
C GLY A 113 4.82 -14.59 -8.49
N GLN A 114 3.98 -15.28 -7.72
CA GLN A 114 2.66 -14.78 -7.45
C GLN A 114 2.70 -13.72 -6.36
N THR A 115 1.74 -12.81 -6.40
CA THR A 115 1.68 -11.71 -5.46
C THR A 115 0.54 -11.91 -4.46
N PHE A 116 0.64 -11.18 -3.36
CA PHE A 116 -0.39 -11.22 -2.34
C PHE A 116 -0.26 -9.98 -1.50
N SER A 117 -1.34 -9.68 -0.76
CA SER A 117 -1.34 -8.58 0.17
C SER A 117 -1.00 -9.07 1.56
N VAL A 118 -0.18 -8.29 2.27
CA VAL A 118 0.15 -8.56 3.66
C VAL A 118 -0.55 -7.57 4.55
N LEU A 119 -1.19 -8.06 5.60
CA LEU A 119 -1.73 -7.21 6.66
C LEU A 119 -0.77 -7.35 7.83
N ALA A 120 0.12 -6.40 7.99
CA ALA A 120 1.09 -6.42 9.08
C ALA A 120 0.37 -6.02 10.36
N CYS A 121 0.55 -6.83 11.40
CA CYS A 121 -0.13 -6.64 12.67
C CYS A 121 0.85 -6.75 13.82
N TYR A 122 0.54 -6.04 14.91
CA TYR A 122 1.31 -6.06 16.14
C TYR A 122 0.32 -6.11 17.29
N ASN A 123 0.50 -7.05 18.22
CA ASN A 123 -0.36 -7.17 19.40
C ASN A 123 -1.82 -7.39 19.01
N GLY A 124 -2.01 -8.13 17.93
CA GLY A 124 -3.35 -8.40 17.42
C GLY A 124 -4.01 -7.24 16.75
N SER A 125 -3.29 -6.12 16.55
CA SER A 125 -3.87 -4.91 15.97
CA SER A 125 -3.87 -4.92 15.97
C SER A 125 -3.29 -4.67 14.58
N PRO A 126 -4.11 -4.57 13.55
CA PRO A 126 -3.59 -4.31 12.20
C PRO A 126 -2.93 -2.94 12.12
N SER A 127 -1.76 -2.91 11.46
CA SER A 127 -0.96 -1.70 11.36
CA SER A 127 -0.89 -1.74 11.36
C SER A 127 -0.71 -1.22 9.94
N GLY A 128 -0.59 -2.10 8.96
CA GLY A 128 -0.35 -1.65 7.60
C GLY A 128 -0.68 -2.74 6.61
N VAL A 129 -0.88 -2.36 5.36
CA VAL A 129 -1.19 -3.30 4.30
CA VAL A 129 -1.22 -3.29 4.28
C VAL A 129 -0.36 -2.96 3.07
N TYR A 130 0.24 -3.97 2.46
CA TYR A 130 1.08 -3.75 1.30
C TYR A 130 1.15 -5.01 0.47
N GLN A 131 1.52 -4.85 -0.79
CA GLN A 131 1.64 -5.96 -1.73
C GLN A 131 3.06 -6.51 -1.73
N CYS A 132 3.17 -7.84 -1.82
CA CYS A 132 4.43 -8.58 -1.81
C CYS A 132 4.36 -9.62 -2.92
N ALA A 133 5.51 -10.13 -3.35
CA ALA A 133 5.56 -11.32 -4.19
C ALA A 133 6.29 -12.43 -3.45
N MET A 134 5.89 -13.67 -3.72
CA MET A 134 6.71 -14.81 -3.34
C MET A 134 7.90 -14.86 -4.28
N ARG A 135 9.11 -14.69 -3.73
CA ARG A 135 10.29 -14.64 -4.56
C ARG A 135 10.61 -16.04 -5.09
N PRO A 136 11.35 -16.13 -6.18
CA PRO A 136 11.76 -17.45 -6.68
C PRO A 136 12.54 -18.25 -5.65
N ASN A 137 13.29 -17.60 -4.76
CA ASN A 137 13.97 -18.30 -3.67
C ASN A 137 13.10 -18.47 -2.42
N PHE A 138 11.80 -18.19 -2.52
CA PHE A 138 10.81 -18.47 -1.49
C PHE A 138 10.94 -17.58 -0.26
N THR A 139 11.65 -16.48 -0.38
CA THR A 139 11.57 -15.42 0.60
C THR A 139 10.53 -14.41 0.16
N ILE A 140 10.19 -13.50 1.06
CA ILE A 140 9.39 -12.34 0.68
C ILE A 140 10.14 -11.09 1.15
N LYS A 141 10.09 -10.04 0.36
CA LYS A 141 10.72 -8.78 0.76
C LYS A 141 9.63 -7.99 1.45
N GLY A 142 9.49 -8.24 2.75
CA GLY A 142 8.44 -7.64 3.53
C GLY A 142 8.94 -6.49 4.38
N SER A 143 8.01 -5.98 5.18
CA SER A 143 8.27 -4.96 6.19
C SER A 143 7.62 -5.56 7.42
N PHE A 144 8.44 -6.16 8.26
CA PHE A 144 7.99 -6.82 9.47
C PHE A 144 8.99 -6.51 10.57
N LEU A 145 8.49 -6.15 11.74
CA LEU A 145 9.27 -5.82 12.93
C LEU A 145 8.99 -6.86 14.03
N ASN A 146 9.64 -6.71 15.17
CA ASN A 146 9.33 -7.56 16.31
C ASN A 146 7.84 -7.54 16.59
N GLY A 147 7.28 -8.71 16.88
CA GLY A 147 5.87 -8.85 17.18
C GLY A 147 4.97 -9.04 15.98
N SER A 148 5.52 -9.06 14.77
CA SER A 148 4.70 -9.21 13.56
C SER A 148 4.33 -10.65 13.23
N CYS A 149 4.92 -11.63 13.90
CA CYS A 149 4.62 -13.02 13.55
C CYS A 149 3.12 -13.30 13.68
N GLY A 150 2.62 -14.14 12.76
CA GLY A 150 1.21 -14.41 12.66
C GLY A 150 0.45 -13.45 11.80
N SER A 151 1.06 -12.35 11.38
CA SER A 151 0.52 -11.57 10.28
C SER A 151 0.36 -12.46 9.06
N VAL A 152 -0.66 -12.19 8.26
CA VAL A 152 -0.97 -13.06 7.13
C VAL A 152 -0.93 -12.32 5.81
N GLY A 153 -0.74 -13.11 4.77
CA GLY A 153 -0.84 -12.67 3.39
C GLY A 153 -2.03 -13.35 2.71
N PHE A 154 -2.62 -12.64 1.76
CA PHE A 154 -3.88 -13.10 1.21
C PHE A 154 -4.14 -12.45 -0.15
N ASN A 155 -5.08 -13.05 -0.89
CA ASN A 155 -5.69 -12.46 -2.07
C ASN A 155 -7.19 -12.52 -1.87
N ILE A 156 -7.93 -11.65 -2.57
CA ILE A 156 -9.39 -11.70 -2.51
C ILE A 156 -9.92 -11.89 -3.92
N ASP A 157 -10.87 -12.79 -4.06
CA ASP A 157 -11.56 -13.04 -5.33
C ASP A 157 -13.04 -13.04 -5.00
N TYR A 158 -13.78 -12.10 -5.59
CA TYR A 158 -15.19 -11.88 -5.28
C TYR A 158 -15.29 -11.66 -3.78
N ASP A 159 -15.97 -12.51 -3.02
CA ASP A 159 -16.10 -12.33 -1.58
C ASP A 159 -15.20 -13.26 -0.79
N CYS A 160 -14.29 -13.97 -1.44
CA CYS A 160 -13.56 -15.07 -0.83
C CYS A 160 -12.11 -14.69 -0.61
N VAL A 161 -11.66 -14.80 0.64
CA VAL A 161 -10.29 -14.52 1.02
C VAL A 161 -9.47 -15.80 0.92
N SER A 162 -8.47 -15.80 0.07
CA SER A 162 -7.53 -16.92 -0.04
C SER A 162 -6.27 -16.57 0.74
N PHE A 163 -6.13 -17.18 1.91
CA PHE A 163 -4.95 -16.98 2.74
C PHE A 163 -3.81 -17.83 2.23
N CYS A 164 -2.64 -17.22 2.03
CA CYS A 164 -1.51 -17.94 1.47
C CYS A 164 -0.24 -17.84 2.30
N TYR A 165 -0.17 -16.99 3.30
CA TYR A 165 1.09 -16.77 4.00
C TYR A 165 0.80 -16.44 5.44
N MET A 166 1.63 -16.98 6.33
CA MET A 166 1.69 -16.56 7.72
C MET A 166 3.13 -16.29 8.07
N HIS A 167 3.38 -15.17 8.74
CA HIS A 167 4.74 -14.72 8.94
C HIS A 167 5.41 -15.36 10.15
N HIS A 168 6.67 -15.80 9.96
CA HIS A 168 7.44 -16.42 11.04
C HIS A 168 8.81 -15.80 11.34
N MET A 169 9.55 -15.25 10.36
CA MET A 169 10.93 -14.93 10.67
C MET A 169 11.53 -13.95 9.67
N GLU A 170 12.63 -13.32 10.11
CA GLU A 170 13.43 -12.46 9.26
C GLU A 170 14.82 -13.07 9.12
N LEU A 171 15.38 -12.98 7.95
CA LEU A 171 16.71 -13.48 7.69
C LEU A 171 17.73 -12.38 7.85
N PRO A 172 19.01 -12.75 7.97
CA PRO A 172 20.07 -11.74 8.14
C PRO A 172 20.11 -10.69 7.05
N THR A 173 19.71 -11.03 5.83
CA THR A 173 19.71 -10.06 4.75
C THR A 173 18.55 -9.08 4.83
N GLY A 174 17.59 -9.28 5.74
CA GLY A 174 16.47 -8.38 5.87
C GLY A 174 15.22 -8.79 5.13
N VAL A 175 15.26 -9.90 4.42
CA VAL A 175 14.06 -10.47 3.83
C VAL A 175 13.41 -11.38 4.84
N HIS A 176 12.27 -11.96 4.46
CA HIS A 176 11.38 -12.63 5.39
C HIS A 176 11.00 -14.01 4.91
N ALA A 177 10.59 -14.85 5.88
CA ALA A 177 10.18 -16.21 5.59
C ALA A 177 9.00 -16.61 6.46
N GLY A 178 8.17 -17.48 5.90
CA GLY A 178 6.99 -17.92 6.60
C GLY A 178 6.40 -19.12 5.93
N THR A 179 5.16 -19.44 6.33
CA THR A 179 4.50 -20.68 5.95
C THR A 179 3.21 -20.39 5.21
N ASP A 180 2.65 -21.43 4.60
CA ASP A 180 1.25 -21.39 4.22
C ASP A 180 0.40 -21.63 5.46
N LEU A 181 -0.91 -21.69 5.31
CA LEU A 181 -1.79 -21.84 6.47
C LEU A 181 -1.95 -23.28 6.90
N GLU A 182 -1.29 -24.22 6.20
CA GLU A 182 -1.10 -25.56 6.72
C GLU A 182 0.20 -25.66 7.52
N GLY A 183 0.95 -24.56 7.66
CA GLY A 183 2.16 -24.56 8.45
C GLY A 183 3.40 -25.06 7.76
N ASN A 184 3.38 -25.23 6.44
CA ASN A 184 4.57 -25.64 5.73
C ASN A 184 5.31 -24.43 5.20
N PHE A 185 6.59 -24.33 5.53
CA PHE A 185 7.39 -23.21 5.06
C PHE A 185 7.42 -23.15 3.54
N TYR A 186 7.45 -21.93 3.04
CA TYR A 186 7.98 -21.66 1.72
C TYR A 186 9.50 -21.61 1.86
N GLY A 187 10.19 -22.43 1.08
CA GLY A 187 11.63 -22.44 1.09
C GLY A 187 12.24 -23.32 2.15
N PRO A 188 13.59 -23.30 2.21
CA PRO A 188 14.34 -24.23 3.05
C PRO A 188 14.56 -23.75 4.47
N PHE A 189 13.63 -22.98 4.99
CA PHE A 189 13.77 -22.33 6.30
C PHE A 189 13.12 -23.17 7.39
N VAL A 190 13.55 -22.89 8.61
CA VAL A 190 13.16 -23.66 9.80
C VAL A 190 12.87 -22.69 10.92
N ASP A 191 11.81 -22.98 11.67
CA ASP A 191 11.41 -22.10 12.80
C ASP A 191 12.27 -22.41 14.02
N ARG A 192 13.54 -22.14 13.94
CA ARG A 192 14.45 -22.13 15.06
C ARG A 192 15.22 -20.81 15.00
N GLN A 193 15.79 -20.43 16.15
CA GLN A 193 16.41 -19.11 16.28
C GLN A 193 17.87 -19.17 15.81
N THR A 194 18.03 -19.25 14.50
CA THR A 194 19.34 -19.31 13.87
C THR A 194 19.33 -18.39 12.65
N ALA A 195 20.53 -17.92 12.29
CA ALA A 195 20.74 -17.10 11.09
C ALA A 195 20.69 -18.01 9.86
N GLN A 196 19.74 -17.76 8.98
CA GLN A 196 19.49 -18.62 7.84
C GLN A 196 19.61 -17.83 6.56
N ALA A 197 20.36 -18.37 5.62
CA ALA A 197 20.48 -17.80 4.29
C ALA A 197 19.52 -18.50 3.33
N ALA A 198 19.11 -17.76 2.32
CA ALA A 198 18.27 -18.28 1.24
C ALA A 198 19.16 -18.68 0.07
N GLY A 199 18.58 -19.45 -0.84
CA GLY A 199 19.22 -19.65 -2.13
C GLY A 199 19.29 -18.36 -2.91
N THR A 200 20.09 -18.37 -3.98
CA THR A 200 20.22 -17.18 -4.83
C THR A 200 18.88 -16.81 -5.43
N ASP A 201 18.53 -15.53 -5.31
CA ASP A 201 17.26 -15.10 -5.87
C ASP A 201 17.45 -14.77 -7.35
N THR A 202 16.34 -14.75 -8.04
CA THR A 202 16.28 -14.41 -9.45
C THR A 202 15.13 -13.44 -9.63
N THR A 203 15.10 -12.79 -10.79
CA THR A 203 14.05 -11.85 -11.12
C THR A 203 12.91 -12.54 -11.86
N ILE A 204 11.67 -12.15 -11.53
CA ILE A 204 10.48 -12.80 -12.07
C ILE A 204 10.16 -12.21 -13.43
N THR A 205 10.65 -12.86 -14.49
CA THR A 205 10.64 -12.30 -15.84
C THR A 205 9.23 -11.98 -16.33
N VAL A 206 8.30 -12.92 -16.16
CA VAL A 206 6.93 -12.67 -16.64
C VAL A 206 6.36 -11.41 -16.01
N ASN A 207 6.70 -11.13 -14.76
CA ASN A 207 6.20 -9.94 -14.08
C ASN A 207 6.87 -8.68 -14.60
N VAL A 208 8.17 -8.73 -14.88
CA VAL A 208 8.81 -7.57 -15.50
C VAL A 208 8.12 -7.24 -16.81
N LEU A 209 7.86 -8.25 -17.63
CA LEU A 209 7.18 -8.01 -18.89
C LEU A 209 5.79 -7.40 -18.67
N ALA A 210 5.04 -7.92 -17.69
CA ALA A 210 3.73 -7.36 -17.39
C ALA A 210 3.83 -5.88 -17.06
N TRP A 211 4.86 -5.52 -16.30
CA TRP A 211 5.04 -4.13 -15.89
C TRP A 211 5.49 -3.26 -17.07
N LEU A 212 6.33 -3.79 -17.97
CA LEU A 212 6.65 -3.04 -19.18
C LEU A 212 5.39 -2.76 -20.00
N TYR A 213 4.49 -3.74 -20.08
CA TYR A 213 3.19 -3.49 -20.74
C TYR A 213 2.39 -2.43 -19.98
N ALA A 214 2.39 -2.48 -18.66
CA ALA A 214 1.73 -1.44 -17.88
C ALA A 214 2.30 -0.07 -18.22
N ALA A 215 3.63 0.00 -18.39
CA ALA A 215 4.26 1.29 -18.73
C ALA A 215 3.75 1.78 -20.07
N VAL A 216 3.72 0.91 -21.07
CA VAL A 216 3.26 1.32 -22.39
C VAL A 216 1.82 1.80 -22.31
N ILE A 217 0.98 1.08 -21.57
CA ILE A 217 -0.40 1.50 -21.38
C ILE A 217 -0.48 2.91 -20.82
N ASN A 218 0.46 3.29 -19.96
CA ASN A 218 0.47 4.63 -19.38
C ASN A 218 1.30 5.63 -20.18
N GLY A 219 1.75 5.26 -21.37
CA GLY A 219 2.39 6.21 -22.27
C GLY A 219 3.91 6.22 -22.26
N ASP A 220 4.54 5.39 -21.44
CA ASP A 220 5.99 5.25 -21.41
C ASP A 220 6.36 4.21 -22.47
N ARG A 221 7.08 4.65 -23.52
CA ARG A 221 7.48 3.68 -24.54
C ARG A 221 8.91 3.86 -25.02
N TRP A 222 9.74 4.61 -24.28
CA TRP A 222 11.10 4.88 -24.74
C TRP A 222 11.93 3.62 -24.91
N PHE A 223 11.62 2.56 -24.14
CA PHE A 223 12.40 1.33 -24.16
C PHE A 223 11.99 0.35 -25.27
N LEU A 224 10.94 0.64 -26.03
CA LEU A 224 10.53 -0.25 -27.10
C LEU A 224 11.50 -0.17 -28.27
N ASN A 225 11.51 -1.23 -29.08
CA ASN A 225 12.35 -1.27 -30.27
C ASN A 225 11.66 -2.04 -31.38
N ARG A 226 12.24 -1.95 -32.58
CA ARG A 226 11.66 -2.53 -33.78
C ARG A 226 11.98 -4.01 -33.92
N PHE A 227 12.65 -4.60 -32.95
CA PHE A 227 13.22 -5.93 -33.09
C PHE A 227 12.39 -6.96 -32.34
N THR A 228 12.70 -8.22 -32.62
CA THR A 228 12.06 -9.36 -31.98
C THR A 228 13.13 -10.38 -31.63
N THR A 229 12.75 -11.39 -30.86
CA THR A 229 13.65 -12.45 -30.43
C THR A 229 12.87 -13.75 -30.46
N THR A 230 13.58 -14.87 -30.52
CA THR A 230 12.91 -16.13 -30.24
C THR A 230 12.82 -16.33 -28.74
N LEU A 231 11.88 -17.19 -28.35
CA LEU A 231 11.73 -17.51 -26.93
C LEU A 231 13.01 -18.11 -26.36
N ASN A 232 13.62 -19.06 -27.08
CA ASN A 232 14.82 -19.67 -26.52
C ASN A 232 15.98 -18.69 -26.45
N ASP A 233 16.16 -17.85 -27.49
CA ASP A 233 17.26 -16.89 -27.42
C ASP A 233 17.07 -15.92 -26.27
N PHE A 234 15.81 -15.52 -26.05
CA PHE A 234 15.54 -14.64 -24.91
C PHE A 234 15.89 -15.35 -23.61
N ASN A 235 15.47 -16.61 -23.48
CA ASN A 235 15.72 -17.33 -22.24
C ASN A 235 17.19 -17.54 -21.97
N LEU A 236 18.00 -17.70 -23.01
CA LEU A 236 19.44 -17.82 -22.80
C LEU A 236 19.98 -16.56 -22.14
N VAL A 237 19.58 -15.39 -22.65
CA VAL A 237 20.01 -14.13 -22.08
C VAL A 237 19.44 -13.94 -20.68
N ALA A 238 18.15 -14.25 -20.51
CA ALA A 238 17.52 -14.13 -19.20
C ALA A 238 18.29 -14.90 -18.15
N MET A 239 18.62 -16.16 -18.43
CA MET A 239 19.33 -16.97 -17.46
CA MET A 239 19.32 -16.94 -17.43
C MET A 239 20.68 -16.37 -17.12
N LYS A 240 21.37 -15.82 -18.13
CA LYS A 240 22.66 -15.20 -17.90
C LYS A 240 22.56 -14.07 -16.90
N TYR A 241 21.44 -13.34 -16.90
CA TYR A 241 21.22 -12.19 -16.03
C TYR A 241 20.45 -12.54 -14.76
N ASN A 242 20.36 -13.83 -14.43
CA ASN A 242 19.64 -14.28 -13.23
C ASN A 242 18.18 -13.87 -13.26
N TYR A 243 17.57 -13.95 -14.44
CA TYR A 243 16.13 -13.86 -14.62
C TYR A 243 15.57 -15.25 -14.82
N GLU A 244 14.34 -15.46 -14.34
CA GLU A 244 13.67 -16.74 -14.52
C GLU A 244 13.37 -17.00 -15.99
N PRO A 245 13.35 -18.26 -16.40
CA PRO A 245 12.91 -18.57 -17.76
C PRO A 245 11.46 -18.15 -17.97
N LEU A 246 11.17 -17.78 -19.20
CA LEU A 246 9.81 -17.49 -19.63
C LEU A 246 9.28 -18.72 -20.37
N THR A 247 8.13 -19.23 -19.93
CA THR A 247 7.53 -20.41 -20.55
C THR A 247 6.47 -19.98 -21.55
N GLN A 248 6.05 -20.93 -22.38
CA GLN A 248 4.93 -20.66 -23.27
C GLN A 248 3.66 -20.29 -22.50
N ASP A 249 3.48 -20.88 -21.31
CA ASP A 249 2.32 -20.49 -20.50
C ASP A 249 2.39 -19.02 -20.12
N HIS A 250 3.57 -18.54 -19.76
CA HIS A 250 3.73 -17.13 -19.46
C HIS A 250 3.40 -16.27 -20.68
N VAL A 251 3.90 -16.66 -21.85
CA VAL A 251 3.56 -15.95 -23.08
C VAL A 251 2.04 -15.91 -23.26
N ASP A 252 1.37 -17.05 -23.06
CA ASP A 252 -0.09 -17.10 -23.17
C ASP A 252 -0.73 -16.17 -22.18
N ILE A 253 -0.25 -16.18 -20.93
CA ILE A 253 -0.81 -15.36 -19.87
C ILE A 253 -0.67 -13.87 -20.20
N LEU A 254 0.36 -13.51 -20.95
CA LEU A 254 0.59 -12.13 -21.34
C LEU A 254 -0.23 -11.72 -22.56
N GLY A 255 -1.00 -12.64 -23.14
CA GLY A 255 -1.77 -12.38 -24.33
C GLY A 255 -2.65 -11.15 -24.25
N PRO A 256 -3.47 -11.05 -23.21
CA PRO A 256 -4.41 -9.91 -23.13
C PRO A 256 -3.69 -8.57 -23.13
N LEU A 257 -2.56 -8.50 -22.43
CA LEU A 257 -1.77 -7.27 -22.47
C LEU A 257 -1.14 -7.07 -23.84
N SER A 258 -0.68 -8.15 -24.46
CA SER A 258 -0.16 -8.05 -25.82
C SER A 258 -1.23 -7.51 -26.77
N ALA A 259 -2.44 -8.03 -26.66
CA ALA A 259 -3.51 -7.60 -27.56
C ALA A 259 -3.93 -6.18 -27.26
N GLN A 260 -3.94 -5.79 -25.99
CA GLN A 260 -4.36 -4.43 -25.65
C GLN A 260 -3.43 -3.39 -26.28
N THR A 261 -2.13 -3.64 -26.23
CA THR A 261 -1.13 -2.70 -26.68
C THR A 261 -0.67 -2.94 -28.11
N GLY A 262 -1.03 -4.08 -28.70
CA GLY A 262 -0.57 -4.42 -30.04
C GLY A 262 0.90 -4.76 -30.13
N ILE A 263 1.51 -5.13 -29.01
CA ILE A 263 2.93 -5.47 -28.98
C ILE A 263 3.04 -6.97 -28.68
N ALA A 264 3.62 -7.71 -29.62
CA ALA A 264 3.79 -9.13 -29.42
C ALA A 264 4.69 -9.38 -28.21
N VAL A 265 4.42 -10.48 -27.52
CA VAL A 265 5.21 -10.81 -26.34
C VAL A 265 6.70 -10.89 -26.68
N LEU A 266 7.04 -11.58 -27.77
CA LEU A 266 8.44 -11.72 -28.13
C LEU A 266 9.06 -10.40 -28.58
N ASP A 267 8.23 -9.46 -29.03
CA ASP A 267 8.74 -8.11 -29.26
CA ASP A 267 8.72 -8.10 -29.27
C ASP A 267 9.08 -7.43 -27.94
N MET A 268 8.20 -7.56 -26.93
CA MET A 268 8.53 -6.99 -25.63
C MET A 268 9.74 -7.68 -25.03
N CYS A 269 9.91 -8.99 -25.29
CA CYS A 269 11.10 -9.69 -24.81
C CYS A 269 12.37 -9.09 -25.40
N ALA A 270 12.31 -8.65 -26.67
CA ALA A 270 13.47 -8.01 -27.28
C ALA A 270 13.76 -6.67 -26.64
N SER A 271 12.72 -5.93 -26.22
CA SER A 271 12.94 -4.71 -25.45
C SER A 271 13.60 -5.02 -24.12
N LEU A 272 13.13 -6.05 -23.44
CA LEU A 272 13.71 -6.38 -22.14
C LEU A 272 15.15 -6.85 -22.30
N LYS A 273 15.43 -7.63 -23.34
CA LYS A 273 16.82 -8.01 -23.58
C LYS A 273 17.70 -6.79 -23.74
N GLU A 274 17.25 -5.78 -24.49
CA GLU A 274 18.04 -4.57 -24.67
C GLU A 274 18.27 -3.88 -23.32
N LEU A 275 17.24 -3.84 -22.46
CA LEU A 275 17.41 -3.23 -21.15
C LEU A 275 18.41 -3.99 -20.30
N LEU A 276 18.40 -5.31 -20.38
CA LEU A 276 19.35 -6.09 -19.58
C LEU A 276 20.77 -5.83 -20.04
N GLN A 277 20.99 -5.77 -21.36
CA GLN A 277 22.34 -5.66 -21.89
C GLN A 277 22.87 -4.24 -21.85
N ASN A 278 21.98 -3.24 -21.93
CA ASN A 278 22.39 -1.85 -22.07
C ASN A 278 22.03 -0.97 -20.88
N GLY A 279 21.26 -1.47 -19.94
CA GLY A 279 20.83 -0.65 -18.82
C GLY A 279 19.78 0.34 -19.25
N MET A 280 19.42 1.19 -18.30
CA MET A 280 18.35 2.17 -18.49
C MET A 280 18.87 3.54 -18.90
N ASN A 281 20.18 3.70 -19.07
CA ASN A 281 20.75 4.94 -19.60
C ASN A 281 20.32 6.15 -18.76
N GLY A 282 20.10 5.92 -17.47
CA GLY A 282 19.68 6.97 -16.57
C GLY A 282 18.21 7.34 -16.65
N ARG A 283 17.46 6.73 -17.56
CA ARG A 283 16.02 6.97 -17.64
C ARG A 283 15.31 6.17 -16.56
N THR A 284 14.00 6.42 -16.43
CA THR A 284 13.16 5.66 -15.52
C THR A 284 11.98 5.08 -16.28
N ILE A 285 11.35 4.09 -15.68
CA ILE A 285 10.13 3.49 -16.21
C ILE A 285 9.11 3.51 -15.09
N LEU A 286 7.96 4.14 -15.33
CA LEU A 286 6.93 4.31 -14.32
C LEU A 286 7.53 4.83 -13.02
N GLY A 287 8.44 5.80 -13.13
CA GLY A 287 9.06 6.42 -11.98
C GLY A 287 10.17 5.64 -11.32
N SER A 288 10.47 4.42 -11.80
CA SER A 288 11.44 3.55 -11.16
C SER A 288 12.73 3.50 -11.98
N ALA A 289 13.87 3.53 -11.27
CA ALA A 289 15.17 3.35 -11.90
C ALA A 289 15.54 1.90 -12.08
N LEU A 290 14.74 0.98 -11.55
CA LEU A 290 15.01 -0.44 -11.66
C LEU A 290 13.80 -1.11 -12.31
N LEU A 291 14.04 -2.28 -12.89
CA LEU A 291 12.96 -3.07 -13.46
C LEU A 291 12.17 -3.74 -12.34
N GLU A 292 10.86 -3.51 -12.33
CA GLU A 292 10.01 -3.97 -11.25
C GLU A 292 9.42 -5.33 -11.58
N ASP A 293 9.50 -6.28 -10.63
CA ASP A 293 9.06 -7.65 -10.90
C ASP A 293 8.01 -8.16 -9.92
N GLU A 294 7.32 -7.29 -9.19
CA GLU A 294 6.29 -7.74 -8.25
C GLU A 294 4.88 -7.29 -8.66
N PHE A 295 4.65 -7.14 -9.97
CA PHE A 295 3.29 -7.09 -10.53
C PHE A 295 3.12 -8.29 -11.45
N THR A 296 2.10 -9.10 -11.21
CA THR A 296 1.77 -10.16 -12.14
C THR A 296 0.96 -9.64 -13.33
N PRO A 297 0.90 -10.41 -14.41
CA PRO A 297 -0.04 -10.06 -15.48
C PRO A 297 -1.46 -9.78 -14.98
N PHE A 298 -1.97 -10.60 -14.05
CA PHE A 298 -3.30 -10.35 -13.49
C PHE A 298 -3.35 -9.01 -12.76
N ASP A 299 -2.32 -8.68 -11.98
CA ASP A 299 -2.29 -7.41 -11.25
C ASP A 299 -2.40 -6.24 -12.22
N VAL A 300 -1.68 -6.30 -13.34
CA VAL A 300 -1.72 -5.21 -14.31
C VAL A 300 -3.12 -5.08 -14.88
N VAL A 301 -3.74 -6.20 -15.25
CA VAL A 301 -5.07 -6.16 -15.84
C VAL A 301 -6.10 -5.68 -14.83
N ARG A 302 -6.09 -6.27 -13.63
CA ARG A 302 -7.05 -5.88 -12.59
C ARG A 302 -7.03 -4.38 -12.37
N GLN A 303 -5.85 -3.76 -12.45
CA GLN A 303 -5.72 -2.34 -12.17
C GLN A 303 -6.01 -1.48 -13.39
N CYS A 304 -5.53 -1.86 -14.56
CA CYS A 304 -5.70 -1.04 -15.76
C CYS A 304 -7.10 -1.14 -16.35
N SER A 305 -7.96 -2.01 -15.82
CA SER A 305 -9.29 -2.20 -16.38
C SER A 305 -10.11 -3.18 -15.53
N GLY B 4 14.70 -2.63 -2.50
CA GLY B 4 15.99 -3.05 -1.87
C GLY B 4 16.45 -2.14 -0.75
N SER B 5 15.75 -1.01 -0.57
CA SER B 5 16.10 -0.07 0.49
C SER B 5 15.65 -0.53 1.87
N GLY B 6 14.73 -1.48 1.94
CA GLY B 6 14.08 -1.84 3.19
C GLY B 6 12.81 -1.07 3.46
N PHE B 7 12.49 -0.06 2.65
CA PHE B 7 11.27 0.72 2.81
C PHE B 7 10.36 0.47 1.62
N ARG B 8 9.07 0.62 1.86
CA ARG B 8 8.07 0.48 0.81
C ARG B 8 6.85 1.27 1.21
N LYS B 9 6.06 1.64 0.22
CA LYS B 9 4.78 2.29 0.49
C LYS B 9 3.86 1.31 1.21
N MET B 10 3.36 1.72 2.36
CA MET B 10 2.48 0.94 3.20
C MET B 10 1.23 1.74 3.48
N ALA B 11 0.07 1.17 3.20
CA ALA B 11 -1.19 1.83 3.48
C ALA B 11 -1.66 1.48 4.87
N PHE B 12 -2.55 2.31 5.41
CA PHE B 12 -3.27 1.91 6.63
C PHE B 12 -4.28 0.83 6.30
N PRO B 13 -4.56 -0.06 7.25
CA PRO B 13 -5.63 -1.03 7.05
C PRO B 13 -6.93 -0.29 6.71
N SER B 14 -7.64 -0.80 5.70
CA SER B 14 -8.75 -0.05 5.14
C SER B 14 -10.11 -0.41 5.71
N GLY B 15 -10.20 -1.36 6.63
CA GLY B 15 -11.50 -1.85 7.06
C GLY B 15 -12.42 -0.78 7.62
N LYS B 16 -11.89 0.13 8.43
CA LYS B 16 -12.76 1.15 9.00
C LYS B 16 -13.37 2.05 7.94
N VAL B 17 -12.68 2.23 6.81
CA VAL B 17 -13.20 3.04 5.70
C VAL B 17 -14.12 2.20 4.81
N GLU B 18 -13.77 0.93 4.58
CA GLU B 18 -14.64 0.05 3.82
C GLU B 18 -16.03 0.08 4.41
N GLY B 19 -16.13 0.10 5.73
CA GLY B 19 -17.41 0.12 6.40
C GLY B 19 -18.21 1.40 6.26
N CYS B 20 -17.67 2.37 5.53
CA CYS B 20 -18.34 3.64 5.32
C CYS B 20 -18.66 3.91 3.86
N MET B 21 -18.27 3.03 2.95
CA MET B 21 -18.43 3.32 1.53
C MET B 21 -19.83 2.93 1.06
N VAL B 22 -20.44 3.83 0.31
CA VAL B 22 -21.74 3.60 -0.33
C VAL B 22 -21.64 4.08 -1.78
N GLN B 23 -22.70 3.80 -2.53
CA GLN B 23 -22.83 4.37 -3.85
C GLN B 23 -23.96 5.40 -3.87
N VAL B 24 -23.76 6.44 -4.67
CA VAL B 24 -24.74 7.51 -4.87
C VAL B 24 -24.98 7.64 -6.35
N THR B 25 -26.25 7.55 -6.76
CA THR B 25 -26.64 7.65 -8.16
C THR B 25 -27.66 8.75 -8.33
N CYS B 26 -27.47 9.52 -9.42
CA CYS B 26 -28.46 10.54 -9.86
C CYS B 26 -28.63 10.24 -11.34
N GLY B 27 -29.79 9.78 -11.79
CA GLY B 27 -29.98 9.35 -13.16
C GLY B 27 -29.22 8.08 -13.44
N THR B 28 -28.28 8.14 -14.39
CA THR B 28 -27.41 7.03 -14.70
C THR B 28 -25.99 7.26 -14.19
N THR B 29 -25.74 8.35 -13.49
CA THR B 29 -24.40 8.65 -12.99
C THR B 29 -24.27 8.07 -11.59
N THR B 30 -23.33 7.14 -11.41
CA THR B 30 -23.07 6.54 -10.12
C THR B 30 -21.65 6.88 -9.70
N LEU B 31 -21.49 7.38 -8.49
CA LEU B 31 -20.17 7.49 -7.90
C LEU B 31 -20.24 6.99 -6.46
N ASN B 32 -19.13 7.12 -5.75
CA ASN B 32 -19.04 6.63 -4.38
C ASN B 32 -19.33 7.76 -3.41
N GLY B 33 -19.86 7.37 -2.24
CA GLY B 33 -20.05 8.29 -1.15
C GLY B 33 -19.53 7.72 0.15
N LEU B 34 -19.40 8.60 1.14
CA LEU B 34 -18.87 8.27 2.45
C LEU B 34 -19.98 8.47 3.47
N TRP B 35 -20.36 7.40 4.16
CA TRP B 35 -21.49 7.39 5.08
C TRP B 35 -20.96 7.42 6.51
N LEU B 36 -21.15 8.53 7.20
CA LEU B 36 -20.67 8.70 8.57
C LEU B 36 -21.85 9.22 9.38
N ASP B 37 -22.18 8.53 10.48
CA ASP B 37 -23.37 8.89 11.24
C ASP B 37 -24.55 8.89 10.26
N ASP B 38 -25.37 9.93 10.22
CA ASP B 38 -26.53 9.96 9.34
C ASP B 38 -26.34 10.88 8.13
N VAL B 39 -25.10 11.05 7.67
CA VAL B 39 -24.80 11.88 6.51
C VAL B 39 -23.95 11.08 5.53
N VAL B 40 -24.28 11.21 4.25
CA VAL B 40 -23.46 10.70 3.16
C VAL B 40 -22.84 11.88 2.42
N TYR B 41 -21.52 11.84 2.25
CA TYR B 41 -20.74 12.87 1.58
C TYR B 41 -20.31 12.34 0.22
N CYS B 42 -20.48 13.15 -0.84
CA CYS B 42 -19.99 12.73 -2.13
C CYS B 42 -19.69 13.95 -2.99
N PRO B 43 -19.03 13.75 -4.13
CA PRO B 43 -18.77 14.89 -5.03
C PRO B 43 -20.07 15.44 -5.59
N ARG B 44 -20.16 16.76 -5.67
CA ARG B 44 -21.41 17.35 -6.11
C ARG B 44 -21.67 17.10 -7.60
N HIS B 45 -20.63 16.78 -8.37
CA HIS B 45 -20.88 16.57 -9.80
C HIS B 45 -21.72 15.33 -10.10
N VAL B 46 -22.09 14.53 -9.09
CA VAL B 46 -23.09 13.47 -9.30
C VAL B 46 -24.39 14.03 -9.88
N ILE B 47 -24.70 15.32 -9.64
CA ILE B 47 -25.96 15.87 -10.12
C ILE B 47 -25.88 16.37 -11.56
N CYS B 48 -24.73 16.22 -12.21
CA CYS B 48 -24.55 16.72 -13.56
C CYS B 48 -24.84 15.65 -14.59
N THR B 49 -25.46 16.06 -15.69
CA THR B 49 -25.45 15.27 -16.91
C THR B 49 -24.17 15.56 -17.69
N SER B 50 -23.93 14.76 -18.71
CA SER B 50 -22.77 15.00 -19.57
C SER B 50 -22.72 16.44 -20.04
N GLU B 51 -23.89 17.02 -20.35
CA GLU B 51 -23.95 18.36 -20.90
C GLU B 51 -23.68 19.42 -19.84
N ASP B 52 -24.12 19.18 -18.60
CA ASP B 52 -23.89 20.13 -17.54
C ASP B 52 -22.41 20.26 -17.19
N MET B 53 -21.58 19.31 -17.62
CA MET B 53 -20.25 19.16 -17.03
C MET B 53 -19.24 20.23 -17.47
N LEU B 54 -19.39 20.81 -18.66
CA LEU B 54 -18.39 21.79 -19.09
C LEU B 54 -18.47 23.07 -18.26
N ASN B 55 -19.69 23.56 -18.02
CA ASN B 55 -19.91 24.79 -17.26
C ASN B 55 -21.14 24.63 -16.38
N PRO B 56 -21.08 23.73 -15.42
CA PRO B 56 -22.26 23.47 -14.59
C PRO B 56 -22.61 24.68 -13.74
N ASN B 57 -23.90 24.97 -13.63
CA ASN B 57 -24.42 25.90 -12.62
C ASN B 57 -24.94 25.03 -11.48
N TYR B 58 -24.07 24.76 -10.52
CA TYR B 58 -24.40 23.80 -9.47
C TYR B 58 -25.53 24.29 -8.60
N GLU B 59 -25.59 25.59 -8.33
CA GLU B 59 -26.67 26.13 -7.51
C GLU B 59 -28.03 25.88 -8.17
N ASP B 60 -28.11 26.11 -9.48
CA ASP B 60 -29.36 25.89 -10.20
C ASP B 60 -29.67 24.39 -10.28
N LEU B 61 -28.67 23.59 -10.62
CA LEU B 61 -28.86 22.14 -10.71
C LEU B 61 -29.38 21.58 -9.39
N LEU B 62 -28.85 22.06 -8.27
CA LEU B 62 -29.26 21.53 -6.97
C LEU B 62 -30.69 21.94 -6.65
N ILE B 63 -31.08 23.17 -7.02
CA ILE B 63 -32.45 23.60 -6.74
C ILE B 63 -33.46 22.73 -7.48
N ARG B 64 -33.08 22.22 -8.65
CA ARG B 64 -33.98 21.34 -9.41
C ARG B 64 -34.07 19.94 -8.80
N LYS B 65 -33.16 19.57 -7.92
CA LYS B 65 -33.15 18.24 -7.33
C LYS B 65 -34.02 18.21 -6.08
N SER B 66 -34.52 17.03 -5.76
CA SER B 66 -35.23 16.76 -4.52
C SER B 66 -34.62 15.53 -3.87
N ASN B 67 -34.98 15.30 -2.61
CA ASN B 67 -34.45 14.13 -1.90
C ASN B 67 -34.70 12.85 -2.69
N HIS B 68 -35.86 12.74 -3.31
CA HIS B 68 -36.25 11.51 -3.99
C HIS B 68 -35.53 11.30 -5.32
N ASN B 69 -34.65 12.22 -5.74
CA ASN B 69 -33.84 12.00 -6.93
C ASN B 69 -32.52 11.30 -6.63
N PHE B 70 -32.16 11.10 -5.37
CA PHE B 70 -30.87 10.54 -5.01
C PHE B 70 -31.07 9.08 -4.60
N LEU B 71 -30.37 8.18 -5.29
CA LEU B 71 -30.35 6.76 -4.95
C LEU B 71 -29.06 6.49 -4.21
N VAL B 72 -29.14 6.27 -2.91
CA VAL B 72 -27.97 5.93 -2.10
C VAL B 72 -28.13 4.47 -1.70
N GLN B 73 -27.07 3.69 -1.90
CA GLN B 73 -27.13 2.26 -1.64
C GLN B 73 -25.85 1.80 -0.94
N ALA B 74 -26.04 0.97 0.08
CA ALA B 74 -24.93 0.22 0.68
C ALA B 74 -25.09 -1.20 0.16
N GLY B 75 -24.21 -1.63 -0.73
CA GLY B 75 -24.52 -2.83 -1.49
C GLY B 75 -25.78 -2.61 -2.32
N ASN B 76 -26.69 -3.57 -2.27
CA ASN B 76 -27.97 -3.45 -2.95
C ASN B 76 -29.05 -2.83 -2.07
N VAL B 77 -28.73 -2.39 -0.86
CA VAL B 77 -29.73 -1.93 0.07
C VAL B 77 -29.83 -0.42 0.01
N GLN B 78 -31.01 0.09 -0.32
CA GLN B 78 -31.20 1.53 -0.44
C GLN B 78 -31.27 2.20 0.93
N LEU B 79 -30.62 3.36 1.03
CA LEU B 79 -30.63 4.23 2.20
C LEU B 79 -31.46 5.46 1.86
N ARG B 80 -32.54 5.69 2.61
CA ARG B 80 -33.47 6.77 2.30
C ARG B 80 -32.86 8.13 2.62
N VAL B 81 -32.93 9.04 1.64
CA VAL B 81 -32.44 10.41 1.78
C VAL B 81 -33.55 11.29 2.33
N ILE B 82 -33.24 12.02 3.40
CA ILE B 82 -34.19 12.89 4.08
C ILE B 82 -33.80 14.36 4.04
N GLY B 83 -32.66 14.70 3.46
CA GLY B 83 -32.27 16.08 3.28
C GLY B 83 -31.05 16.14 2.40
N HIS B 84 -30.82 17.31 1.81
CA HIS B 84 -29.64 17.47 0.97
C HIS B 84 -29.17 18.91 1.01
N SER B 85 -27.86 19.08 0.94
CA SER B 85 -27.27 20.41 0.88
C SER B 85 -25.91 20.29 0.23
N MET B 86 -25.36 21.43 -0.14
CA MET B 86 -24.06 21.53 -0.80
C MET B 86 -23.14 22.35 0.08
N GLN B 87 -21.92 21.86 0.28
CA GLN B 87 -20.87 22.57 0.99
C GLN B 87 -19.67 22.59 0.05
N ASN B 88 -19.38 23.76 -0.54
CA ASN B 88 -18.29 23.87 -1.51
C ASN B 88 -18.54 22.84 -2.60
N CYS B 89 -17.63 21.92 -2.89
CA CYS B 89 -17.80 20.96 -3.98
C CYS B 89 -18.28 19.59 -3.53
N VAL B 90 -18.79 19.49 -2.32
CA VAL B 90 -19.35 18.23 -1.85
CA VAL B 90 -19.34 18.24 -1.80
C VAL B 90 -20.84 18.38 -1.58
N LEU B 91 -21.55 17.31 -1.84
CA LEU B 91 -22.94 17.18 -1.52
C LEU B 91 -23.02 16.40 -0.21
N LYS B 92 -23.91 16.85 0.67
CA LYS B 92 -24.19 16.18 1.93
C LYS B 92 -25.64 15.72 1.88
N LEU B 93 -25.83 14.42 1.91
CA LEU B 93 -27.16 13.82 1.90
C LEU B 93 -27.46 13.32 3.30
N LYS B 94 -28.47 13.90 3.94
CA LYS B 94 -28.90 13.40 5.24
C LYS B 94 -29.74 12.15 4.99
N VAL B 95 -29.45 11.08 5.70
CA VAL B 95 -30.13 9.81 5.53
C VAL B 95 -30.83 9.41 6.83
N ASP B 96 -31.75 8.46 6.72
CA ASP B 96 -32.59 8.13 7.87
C ASP B 96 -31.97 7.08 8.80
N THR B 97 -30.74 6.65 8.52
CA THR B 97 -30.09 5.60 9.29
C THR B 97 -28.67 6.04 9.62
N ALA B 98 -28.29 5.94 10.89
CA ALA B 98 -26.91 6.19 11.29
C ALA B 98 -26.09 4.95 10.98
N ASN B 99 -24.95 5.15 10.32
CA ASN B 99 -24.12 4.02 9.93
C ASN B 99 -23.59 3.32 11.18
N PRO B 100 -23.95 2.06 11.44
CA PRO B 100 -23.46 1.40 12.65
C PRO B 100 -21.97 1.14 12.63
N LYS B 101 -21.34 1.20 11.47
CA LYS B 101 -19.90 1.01 11.35
C LYS B 101 -19.13 2.34 11.40
N THR B 102 -19.78 3.45 11.73
CA THR B 102 -19.07 4.73 11.78
C THR B 102 -17.91 4.62 12.76
N PRO B 103 -16.68 4.86 12.33
CA PRO B 103 -15.55 4.87 13.27
C PRO B 103 -15.46 6.22 13.97
N LYS B 104 -14.58 6.30 14.97
CA LYS B 104 -14.15 7.62 15.42
C LYS B 104 -13.48 8.29 14.22
N TYR B 105 -13.81 9.56 13.96
CA TYR B 105 -13.30 10.22 12.76
C TYR B 105 -13.14 11.71 12.94
N LYS B 106 -12.35 12.29 12.06
CA LYS B 106 -12.25 13.73 11.92
C LYS B 106 -11.99 14.03 10.45
N PHE B 107 -12.29 15.26 10.07
CA PHE B 107 -11.99 15.78 8.74
C PHE B 107 -10.78 16.70 8.88
N VAL B 108 -9.72 16.39 8.14
CA VAL B 108 -8.50 17.18 8.17
CA VAL B 108 -8.46 17.14 8.18
C VAL B 108 -8.12 17.61 6.77
N ARG B 109 -7.52 18.78 6.66
CA ARG B 109 -7.00 19.30 5.41
C ARG B 109 -5.48 19.17 5.50
N ILE B 110 -4.89 18.35 4.63
CA ILE B 110 -3.46 18.09 4.72
C ILE B 110 -2.65 19.10 3.94
N GLN B 111 -1.34 19.12 4.21
CA GLN B 111 -0.39 19.97 3.53
C GLN B 111 0.34 19.19 2.45
N PRO B 112 0.85 19.86 1.42
CA PRO B 112 1.70 19.20 0.44
C PRO B 112 2.83 18.44 1.13
N GLY B 113 3.18 17.29 0.58
CA GLY B 113 4.15 16.39 1.14
C GLY B 113 3.56 15.32 2.02
N GLN B 114 2.39 15.57 2.61
CA GLN B 114 1.78 14.58 3.48
CA GLN B 114 1.80 14.57 3.49
C GLN B 114 1.29 13.39 2.66
N THR B 115 1.39 12.22 3.25
CA THR B 115 0.93 11.00 2.62
C THR B 115 -0.38 10.57 3.28
N PHE B 116 -1.08 9.73 2.56
CA PHE B 116 -2.36 9.22 3.00
C PHE B 116 -2.68 7.99 2.18
N SER B 117 -3.58 7.17 2.73
CA SER B 117 -4.02 5.97 2.06
C SER B 117 -5.28 6.27 1.27
N VAL B 118 -5.34 5.75 0.06
CA VAL B 118 -6.52 5.84 -0.80
C VAL B 118 -7.17 4.47 -0.86
N LEU B 119 -8.49 4.44 -0.63
CA LEU B 119 -9.29 3.23 -0.87
C LEU B 119 -10.04 3.47 -2.18
N ALA B 120 -9.50 2.92 -3.27
CA ALA B 120 -10.12 3.10 -4.57
C ALA B 120 -11.37 2.23 -4.64
N CYS B 121 -12.50 2.83 -4.97
CA CYS B 121 -13.78 2.14 -4.97
C CYS B 121 -14.51 2.39 -6.29
N TYR B 122 -15.34 1.44 -6.68
CA TYR B 122 -16.21 1.55 -7.84
C TYR B 122 -17.57 1.01 -7.44
N ASN B 123 -18.63 1.77 -7.72
CA ASN B 123 -19.99 1.35 -7.39
C ASN B 123 -20.11 1.02 -5.89
N GLY B 124 -19.40 1.78 -5.07
CA GLY B 124 -19.45 1.58 -3.63
C GLY B 124 -18.66 0.40 -3.12
N SER B 125 -17.97 -0.34 -4.00
CA SER B 125 -17.23 -1.53 -3.60
CA SER B 125 -17.23 -1.54 -3.62
C SER B 125 -15.74 -1.29 -3.69
N PRO B 126 -15.00 -1.54 -2.63
CA PRO B 126 -13.56 -1.26 -2.67
C PRO B 126 -12.81 -2.23 -3.57
N SER B 127 -11.85 -1.69 -4.32
CA SER B 127 -11.02 -2.51 -5.17
C SER B 127 -9.58 -2.62 -4.70
N GLY B 128 -9.03 -1.61 -4.05
CA GLY B 128 -7.62 -1.65 -3.65
C GLY B 128 -7.29 -0.49 -2.75
N VAL B 129 -6.17 -0.63 -2.05
CA VAL B 129 -5.70 0.42 -1.15
CA VAL B 129 -5.69 0.40 -1.12
C VAL B 129 -4.22 0.66 -1.41
N TYR B 130 -3.83 1.94 -1.41
CA TYR B 130 -2.45 2.29 -1.69
C TYR B 130 -2.18 3.66 -1.13
N GLN B 131 -0.89 3.93 -0.91
CA GLN B 131 -0.46 5.20 -0.37
C GLN B 131 -0.18 6.20 -1.48
N CYS B 132 -0.58 7.45 -1.24
CA CYS B 132 -0.34 8.58 -2.13
C CYS B 132 0.32 9.70 -1.33
N ALA B 133 1.11 10.52 -2.02
CA ALA B 133 1.62 11.76 -1.45
C ALA B 133 0.97 12.94 -2.16
N MET B 134 0.51 13.93 -1.38
CA MET B 134 0.06 15.18 -1.96
C MET B 134 1.27 15.94 -2.48
N ARG B 135 1.33 16.15 -3.80
CA ARG B 135 2.46 16.84 -4.39
C ARG B 135 2.40 18.34 -4.08
N PRO B 136 3.53 19.04 -4.18
CA PRO B 136 3.51 20.49 -3.97
C PRO B 136 2.58 21.26 -4.88
N ASN B 137 2.27 20.74 -6.07
CA ASN B 137 1.31 21.36 -6.98
C ASN B 137 -0.12 20.91 -6.70
N PHE B 138 -0.36 20.23 -5.58
CA PHE B 138 -1.70 19.88 -5.11
C PHE B 138 -2.37 18.87 -6.03
N THR B 139 -1.61 17.98 -6.62
CA THR B 139 -2.11 16.81 -7.32
C THR B 139 -1.58 15.55 -6.63
N ILE B 140 -2.22 14.42 -6.91
CA ILE B 140 -1.72 13.13 -6.48
C ILE B 140 -1.57 12.22 -7.69
N LYS B 141 -0.66 11.27 -7.58
CA LYS B 141 -0.44 10.26 -8.61
C LYS B 141 -1.24 9.03 -8.15
N GLY B 142 -2.51 9.03 -8.49
CA GLY B 142 -3.39 7.95 -8.12
C GLY B 142 -3.47 6.90 -9.20
N SER B 143 -4.32 5.91 -8.94
CA SER B 143 -4.70 4.90 -9.92
C SER B 143 -6.22 4.93 -9.85
N PHE B 144 -6.81 5.79 -10.67
CA PHE B 144 -8.24 6.03 -10.65
C PHE B 144 -8.79 5.89 -12.06
N LEU B 145 -9.90 5.17 -12.18
CA LEU B 145 -10.60 4.97 -13.44
C LEU B 145 -11.98 5.63 -13.38
N ASN B 146 -12.70 5.57 -14.50
CA ASN B 146 -14.08 6.01 -14.48
C ASN B 146 -14.82 5.32 -13.35
N GLY B 147 -15.65 6.08 -12.64
CA GLY B 147 -16.44 5.57 -11.54
C GLY B 147 -15.77 5.68 -10.19
N SER B 148 -14.52 6.13 -10.14
CA SER B 148 -13.78 6.19 -8.88
C SER B 148 -14.09 7.42 -8.04
N CYS B 149 -14.77 8.41 -8.57
CA CYS B 149 -15.00 9.62 -7.81
C CYS B 149 -15.74 9.30 -6.53
N GLY B 150 -15.42 10.06 -5.49
CA GLY B 150 -15.92 9.81 -4.16
C GLY B 150 -15.09 8.86 -3.36
N SER B 151 -14.14 8.16 -3.97
CA SER B 151 -13.16 7.41 -3.19
C SER B 151 -12.41 8.40 -2.32
N VAL B 152 -12.02 7.96 -1.13
CA VAL B 152 -11.41 8.86 -0.15
C VAL B 152 -9.99 8.46 0.20
N GLY B 153 -9.27 9.47 0.69
CA GLY B 153 -7.96 9.30 1.27
C GLY B 153 -8.04 9.58 2.76
N PHE B 154 -7.18 8.90 3.52
CA PHE B 154 -7.30 8.94 4.97
C PHE B 154 -5.97 8.54 5.61
N ASN B 155 -5.85 8.88 6.89
CA ASN B 155 -4.83 8.35 7.79
C ASN B 155 -5.54 7.86 9.04
N ILE B 156 -4.93 6.93 9.76
CA ILE B 156 -5.51 6.40 11.00
C ILE B 156 -4.53 6.64 12.12
N ASP B 157 -4.99 7.27 13.19
CA ASP B 157 -4.21 7.54 14.39
C ASP B 157 -4.96 6.92 15.56
N TYR B 158 -4.37 5.90 16.19
CA TYR B 158 -5.05 5.17 17.25
C TYR B 158 -6.42 4.71 16.75
N ASP B 159 -7.50 5.17 17.37
CA ASP B 159 -8.82 4.69 16.98
C ASP B 159 -9.44 5.50 15.85
N CYS B 160 -8.79 6.58 15.43
CA CYS B 160 -9.47 7.68 14.76
C CYS B 160 -9.05 7.77 13.30
N VAL B 161 -10.03 7.73 12.41
CA VAL B 161 -9.79 7.91 10.99
C VAL B 161 -9.84 9.40 10.67
N SER B 162 -8.73 9.95 10.17
CA SER B 162 -8.69 11.33 9.67
C SER B 162 -8.86 11.29 8.16
N PHE B 163 -10.03 11.69 7.68
CA PHE B 163 -10.31 11.76 6.26
C PHE B 163 -9.76 13.07 5.71
N CYS B 164 -8.97 12.97 4.64
CA CYS B 164 -8.32 14.15 4.10
C CYS B 164 -8.55 14.38 2.62
N TYR B 165 -9.08 13.42 1.87
CA TYR B 165 -9.18 13.57 0.43
C TYR B 165 -10.44 12.88 -0.07
N MET B 166 -11.09 13.50 -1.04
CA MET B 166 -12.17 12.87 -1.79
C MET B 166 -11.89 13.13 -3.26
N HIS B 167 -11.99 12.08 -4.07
CA HIS B 167 -11.53 12.17 -5.44
C HIS B 167 -12.59 12.76 -6.38
N HIS B 168 -12.14 13.68 -7.25
CA HIS B 168 -13.05 14.33 -8.20
C HIS B 168 -12.63 14.24 -9.67
N MET B 169 -11.33 14.24 -10.01
CA MET B 169 -11.03 14.40 -11.42
C MET B 169 -9.60 14.03 -11.76
N GLU B 170 -9.38 13.82 -13.06
CA GLU B 170 -8.07 13.54 -13.63
C GLU B 170 -7.69 14.68 -14.56
N LEU B 171 -6.48 15.16 -14.41
CA LEU B 171 -5.93 16.20 -15.25
C LEU B 171 -5.32 15.62 -16.51
N PRO B 172 -5.07 16.45 -17.52
CA PRO B 172 -4.55 15.94 -18.80
C PRO B 172 -3.26 15.16 -18.69
N THR B 173 -2.41 15.47 -17.71
CA THR B 173 -1.17 14.74 -17.52
C THR B 173 -1.33 13.40 -16.80
N GLY B 174 -2.56 13.00 -16.46
CA GLY B 174 -2.79 11.72 -15.84
C GLY B 174 -2.73 11.73 -14.33
N VAL B 175 -2.42 12.87 -13.71
CA VAL B 175 -2.49 13.00 -12.26
C VAL B 175 -3.90 13.41 -11.85
N HIS B 176 -4.13 13.47 -10.55
CA HIS B 176 -5.49 13.49 -9.99
C HIS B 176 -5.67 14.64 -9.03
N ALA B 177 -6.90 15.14 -8.98
CA ALA B 177 -7.25 16.27 -8.14
C ALA B 177 -8.56 16.03 -7.41
N GLY B 178 -8.66 16.64 -6.24
CA GLY B 178 -9.84 16.45 -5.42
C GLY B 178 -9.89 17.44 -4.28
N THR B 179 -10.80 17.16 -3.34
CA THR B 179 -11.11 18.07 -2.26
C THR B 179 -10.81 17.43 -0.93
N ASP B 180 -10.84 18.25 0.12
CA ASP B 180 -10.99 17.73 1.47
C ASP B 180 -12.47 17.36 1.68
N LEU B 181 -12.81 16.91 2.87
CA LEU B 181 -14.18 16.46 3.13
C LEU B 181 -15.12 17.61 3.44
N GLU B 182 -14.63 18.85 3.49
CA GLU B 182 -15.48 20.03 3.48
C GLU B 182 -15.69 20.56 2.08
N GLY B 183 -15.18 19.85 1.07
CA GLY B 183 -15.43 20.19 -0.32
C GLY B 183 -14.55 21.24 -0.93
N ASN B 184 -13.47 21.66 -0.25
CA ASN B 184 -12.55 22.64 -0.79
C ASN B 184 -11.45 21.90 -1.57
N PHE B 185 -11.33 22.20 -2.85
CA PHE B 185 -10.25 21.61 -3.63
C PHE B 185 -8.89 21.89 -3.00
N TYR B 186 -8.02 20.91 -3.08
CA TYR B 186 -6.58 21.14 -2.96
C TYR B 186 -6.13 21.77 -4.27
N GLY B 187 -5.41 22.88 -4.17
CA GLY B 187 -4.92 23.55 -5.36
C GLY B 187 -5.97 24.41 -5.99
N PRO B 188 -5.65 24.90 -7.19
CA PRO B 188 -6.52 25.89 -7.85
C PRO B 188 -7.66 25.31 -8.67
N PHE B 189 -7.86 24.01 -8.64
CA PHE B 189 -8.74 23.31 -9.56
C PHE B 189 -10.22 23.53 -9.23
N VAL B 190 -11.05 23.32 -10.25
CA VAL B 190 -12.51 23.45 -10.15
C VAL B 190 -13.17 22.22 -10.77
N ASP B 191 -14.37 21.87 -10.27
CA ASP B 191 -15.07 20.65 -10.73
C ASP B 191 -15.91 20.94 -11.98
N ARG B 192 -15.19 21.10 -13.09
CA ARG B 192 -15.78 21.34 -14.40
C ARG B 192 -14.95 20.59 -15.43
N GLN B 193 -15.64 20.10 -16.46
CA GLN B 193 -15.05 19.28 -17.51
C GLN B 193 -14.31 20.17 -18.51
N THR B 194 -13.37 20.98 -18.00
CA THR B 194 -12.51 21.83 -18.80
C THR B 194 -11.09 21.33 -18.71
N ALA B 195 -10.25 21.80 -19.63
CA ALA B 195 -8.82 21.52 -19.57
C ALA B 195 -8.19 22.40 -18.50
N GLN B 196 -7.55 21.77 -17.53
CA GLN B 196 -6.89 22.46 -16.43
C GLN B 196 -5.50 21.88 -16.28
N ALA B 197 -4.54 22.73 -15.98
CA ALA B 197 -3.15 22.30 -15.91
C ALA B 197 -2.68 22.39 -14.47
N ALA B 198 -1.96 21.37 -14.05
CA ALA B 198 -1.24 21.44 -12.80
C ALA B 198 -0.03 22.37 -12.95
N GLY B 199 0.34 23.03 -11.86
CA GLY B 199 1.59 23.76 -11.85
C GLY B 199 2.76 22.82 -12.01
N THR B 200 3.90 23.38 -12.41
CA THR B 200 5.11 22.58 -12.48
C THR B 200 5.37 22.00 -11.11
N ASP B 201 5.63 20.70 -11.05
CA ASP B 201 5.83 20.09 -9.76
C ASP B 201 7.26 20.28 -9.28
N THR B 202 7.45 20.10 -7.99
CA THR B 202 8.73 20.25 -7.33
C THR B 202 8.95 19.09 -6.39
N THR B 203 10.19 18.93 -5.95
CA THR B 203 10.55 17.85 -5.04
C THR B 203 10.19 18.22 -3.61
N ILE B 204 9.64 17.25 -2.88
CA ILE B 204 9.20 17.47 -1.51
C ILE B 204 10.40 17.38 -0.57
N THR B 205 10.99 18.53 -0.29
CA THR B 205 12.22 18.61 0.49
C THR B 205 12.09 17.97 1.87
N VAL B 206 10.99 18.22 2.58
CA VAL B 206 10.86 17.70 3.93
C VAL B 206 10.94 16.17 3.92
N ASN B 207 10.39 15.54 2.89
CA ASN B 207 10.40 14.09 2.78
C ASN B 207 11.78 13.59 2.37
N VAL B 208 12.49 14.30 1.50
CA VAL B 208 13.87 13.92 1.20
C VAL B 208 14.70 13.96 2.47
N LEU B 209 14.52 14.98 3.29
CA LEU B 209 15.25 15.04 4.55
C LEU B 209 14.87 13.86 5.44
N ALA B 210 13.58 13.49 5.48
CA ALA B 210 13.17 12.30 6.24
C ALA B 210 13.90 11.06 5.74
N TRP B 211 14.05 10.95 4.42
CA TRP B 211 14.76 9.82 3.82
C TRP B 211 16.22 9.81 4.22
N LEU B 212 16.86 10.98 4.26
CA LEU B 212 18.25 11.03 4.70
C LEU B 212 18.36 10.61 6.16
N TYR B 213 17.42 11.04 7.01
CA TYR B 213 17.39 10.56 8.38
C TYR B 213 17.23 9.04 8.43
N ALA B 214 16.33 8.49 7.61
CA ALA B 214 16.17 7.05 7.56
C ALA B 214 17.48 6.37 7.20
N ALA B 215 18.23 6.94 6.27
CA ALA B 215 19.52 6.37 5.90
C ALA B 215 20.46 6.35 7.08
N VAL B 216 20.55 7.47 7.80
CA VAL B 216 21.40 7.55 8.98
C VAL B 216 21.00 6.50 10.01
N ILE B 217 19.69 6.34 10.25
CA ILE B 217 19.23 5.36 11.23
C ILE B 217 19.73 3.97 10.87
N ASN B 218 19.81 3.69 9.57
CA ASN B 218 20.29 2.42 9.05
C ASN B 218 21.79 2.37 8.83
N GLY B 219 22.54 3.34 9.33
CA GLY B 219 24.00 3.29 9.28
C GLY B 219 24.62 3.76 7.99
N ASP B 220 23.85 4.37 7.10
CA ASP B 220 24.33 4.85 5.81
C ASP B 220 24.42 6.37 5.93
N ARG B 221 25.62 6.88 6.22
CA ARG B 221 25.74 8.26 6.66
C ARG B 221 26.95 8.97 6.05
N TRP B 222 27.41 8.52 4.87
CA TRP B 222 28.60 9.12 4.25
C TRP B 222 28.39 10.59 3.89
N PHE B 223 27.14 11.01 3.68
CA PHE B 223 26.80 12.34 3.22
C PHE B 223 26.73 13.37 4.35
N LEU B 224 26.91 12.98 5.62
CA LEU B 224 26.90 13.97 6.68
C LEU B 224 28.18 14.79 6.64
N ASN B 225 28.07 16.10 6.83
CA ASN B 225 29.24 17.00 6.80
C ASN B 225 29.36 17.77 8.12
N ARG B 226 30.42 18.58 8.22
CA ARG B 226 30.76 19.28 9.45
C ARG B 226 30.10 20.65 9.54
N PHE B 227 29.12 20.93 8.68
CA PHE B 227 28.67 22.30 8.47
C PHE B 227 27.18 22.42 8.69
N THR B 228 26.72 23.65 8.66
CA THR B 228 25.31 23.96 8.86
C THR B 228 24.95 25.09 7.91
N THR B 229 23.69 25.51 7.98
CA THR B 229 23.14 26.53 7.11
C THR B 229 22.03 27.21 7.88
N THR B 230 21.71 28.43 7.47
CA THR B 230 20.45 28.97 7.91
C THR B 230 19.32 28.38 7.06
N LEU B 231 18.11 28.46 7.59
CA LEU B 231 16.95 27.99 6.84
C LEU B 231 16.77 28.80 5.57
N ASN B 232 16.92 30.12 5.64
CA ASN B 232 16.73 30.95 4.46
C ASN B 232 17.77 30.64 3.39
N ASP B 233 19.05 30.53 3.77
CA ASP B 233 20.07 30.20 2.77
C ASP B 233 19.74 28.86 2.12
N PHE B 234 19.31 27.88 2.91
CA PHE B 234 18.97 26.60 2.32
C PHE B 234 17.81 26.74 1.34
N ASN B 235 16.76 27.46 1.73
CA ASN B 235 15.59 27.57 0.88
C ASN B 235 15.92 28.23 -0.45
N LEU B 236 16.80 29.23 -0.43
CA LEU B 236 17.18 29.89 -1.67
C LEU B 236 17.94 28.95 -2.60
N VAL B 237 18.81 28.12 -2.03
CA VAL B 237 19.50 27.13 -2.86
C VAL B 237 18.52 26.07 -3.35
N ALA B 238 17.65 25.58 -2.45
CA ALA B 238 16.72 24.52 -2.82
C ALA B 238 15.89 24.90 -4.04
N MET B 239 15.40 26.13 -4.08
CA MET B 239 14.57 26.56 -5.20
C MET B 239 15.30 26.47 -6.53
N LYS B 240 16.62 26.63 -6.52
CA LYS B 240 17.37 26.56 -7.77
C LYS B 240 17.43 25.13 -8.31
N TYR B 241 17.17 24.14 -7.47
CA TYR B 241 17.17 22.73 -7.86
C TYR B 241 15.76 22.16 -7.96
N ASN B 242 14.76 23.04 -8.02
CA ASN B 242 13.35 22.65 -8.09
CA ASN B 242 13.37 22.61 -8.12
C ASN B 242 12.92 21.83 -6.89
N TYR B 243 13.50 22.14 -5.75
CA TYR B 243 13.07 21.59 -4.45
C TYR B 243 12.18 22.63 -3.77
N GLU B 244 11.21 22.15 -3.01
CA GLU B 244 10.35 23.05 -2.25
C GLU B 244 11.13 23.73 -1.14
N PRO B 245 10.82 24.99 -0.83
CA PRO B 245 11.36 25.58 0.40
C PRO B 245 10.72 24.92 1.61
N LEU B 246 11.49 24.85 2.69
CA LEU B 246 10.96 24.36 3.94
C LEU B 246 10.17 25.45 4.67
N THR B 247 9.13 25.01 5.37
CA THR B 247 8.35 25.85 6.25
C THR B 247 8.76 25.55 7.70
N GLN B 248 8.30 26.39 8.62
CA GLN B 248 8.54 26.09 10.02
C GLN B 248 7.90 24.76 10.41
N ASP B 249 6.70 24.48 9.88
CA ASP B 249 6.05 23.22 10.20
C ASP B 249 6.90 22.03 9.75
N HIS B 250 7.57 22.15 8.60
CA HIS B 250 8.46 21.08 8.16
C HIS B 250 9.60 20.86 9.14
N VAL B 251 10.22 21.95 9.57
CA VAL B 251 11.28 21.83 10.56
C VAL B 251 10.77 21.09 11.78
N ASP B 252 9.56 21.44 12.25
CA ASP B 252 9.00 20.81 13.44
C ASP B 252 8.70 19.33 13.23
N ILE B 253 8.16 18.94 12.09
CA ILE B 253 7.85 17.52 11.92
C ILE B 253 9.10 16.68 11.75
N LEU B 254 10.23 17.30 11.41
CA LEU B 254 11.52 16.58 11.43
C LEU B 254 12.10 16.45 12.83
N GLY B 255 11.46 17.04 13.84
CA GLY B 255 11.97 17.04 15.19
C GLY B 255 12.27 15.66 15.74
N PRO B 256 11.32 14.73 15.65
CA PRO B 256 11.56 13.38 16.21
C PRO B 256 12.75 12.68 15.59
N LEU B 257 12.91 12.77 14.26
CA LEU B 257 14.02 12.12 13.59
C LEU B 257 15.34 12.80 13.94
N SER B 258 15.31 14.13 14.05
CA SER B 258 16.50 14.85 14.50
C SER B 258 16.90 14.43 15.90
N ALA B 259 15.93 14.25 16.81
CA ALA B 259 16.26 13.79 18.16
C ALA B 259 16.74 12.34 18.16
N GLN B 260 16.17 11.51 17.30
CA GLN B 260 16.55 10.10 17.27
C GLN B 260 17.99 9.93 16.81
N THR B 261 18.44 10.80 15.91
CA THR B 261 19.78 10.70 15.33
C THR B 261 20.79 11.69 15.91
N GLY B 262 20.32 12.72 16.63
CA GLY B 262 21.21 13.76 17.09
C GLY B 262 21.70 14.69 16.02
N ILE B 263 21.17 14.61 14.81
CA ILE B 263 21.56 15.49 13.70
CA ILE B 263 21.56 15.47 13.69
C ILE B 263 20.54 16.61 13.63
N ALA B 264 20.99 17.82 13.92
CA ALA B 264 20.12 18.99 13.86
C ALA B 264 19.54 19.13 12.46
N VAL B 265 18.29 19.61 12.39
CA VAL B 265 17.62 19.76 11.11
C VAL B 265 18.47 20.59 10.14
N LEU B 266 19.01 21.73 10.61
CA LEU B 266 19.77 22.60 9.71
C LEU B 266 21.10 21.98 9.31
N ASP B 267 21.66 21.10 10.15
CA ASP B 267 22.85 20.36 9.72
C ASP B 267 22.49 19.37 8.62
N MET B 268 21.34 18.68 8.74
CA MET B 268 20.94 17.81 7.65
C MET B 268 20.64 18.61 6.39
N CYS B 269 20.09 19.82 6.55
CA CYS B 269 19.87 20.67 5.38
C CYS B 269 21.18 21.00 4.68
N ALA B 270 22.25 21.24 5.45
CA ALA B 270 23.55 21.51 4.84
C ALA B 270 24.07 20.29 4.09
N SER B 271 23.82 19.09 4.62
CA SER B 271 24.20 17.87 3.91
C SER B 271 23.43 17.74 2.61
N LEU B 272 22.11 17.99 2.64
CA LEU B 272 21.32 17.93 1.43
C LEU B 272 21.77 18.97 0.41
N LYS B 273 22.06 20.19 0.88
CA LYS B 273 22.55 21.23 -0.01
C LYS B 273 23.80 20.78 -0.75
N GLU B 274 24.72 20.12 -0.05
CA GLU B 274 25.94 19.65 -0.70
C GLU B 274 25.62 18.58 -1.73
N LEU B 275 24.65 17.68 -1.44
CA LEU B 275 24.26 16.68 -2.41
C LEU B 275 23.69 17.34 -3.66
N LEU B 276 22.85 18.37 -3.48
CA LEU B 276 22.26 19.04 -4.64
C LEU B 276 23.32 19.71 -5.48
N GLN B 277 24.26 20.39 -4.84
CA GLN B 277 25.28 21.15 -5.55
C GLN B 277 26.34 20.25 -6.17
N ASN B 278 26.67 19.13 -5.54
CA ASN B 278 27.75 18.28 -6.03
C ASN B 278 27.28 16.99 -6.67
N GLY B 279 26.02 16.60 -6.49
CA GLY B 279 25.57 15.30 -6.93
C GLY B 279 26.09 14.23 -6.00
N MET B 280 25.79 12.99 -6.35
CA MET B 280 26.15 11.86 -5.51
C MET B 280 27.42 11.15 -5.96
N ASN B 281 27.96 11.52 -7.13
CA ASN B 281 29.28 11.08 -7.57
C ASN B 281 29.42 9.56 -7.49
N GLY B 282 28.47 8.87 -8.12
CA GLY B 282 28.51 7.42 -8.20
C GLY B 282 28.14 6.70 -6.93
N ARG B 283 27.81 7.42 -5.87
CA ARG B 283 27.46 6.81 -4.60
C ARG B 283 25.96 6.59 -4.53
N THR B 284 25.55 5.81 -3.53
CA THR B 284 24.14 5.55 -3.30
C THR B 284 23.78 5.83 -1.84
N ILE B 285 22.49 6.01 -1.62
CA ILE B 285 21.90 6.17 -0.30
C ILE B 285 20.77 5.17 -0.19
N LEU B 286 20.82 4.33 0.84
CA LEU B 286 19.84 3.25 1.00
C LEU B 286 19.72 2.45 -0.30
N GLY B 287 20.85 2.25 -0.97
CA GLY B 287 20.89 1.41 -2.15
C GLY B 287 20.56 2.08 -3.47
N SER B 288 20.25 3.38 -3.47
CA SER B 288 19.82 4.04 -4.69
C SER B 288 20.57 5.34 -4.91
N ALA B 289 20.75 5.68 -6.19
CA ALA B 289 21.31 6.96 -6.59
C ALA B 289 20.25 8.05 -6.62
N LEU B 290 18.99 7.70 -6.43
CA LEU B 290 17.89 8.64 -6.45
C LEU B 290 17.36 8.85 -5.04
N LEU B 291 17.11 10.11 -4.70
CA LEU B 291 16.53 10.47 -3.42
C LEU B 291 15.00 10.36 -3.47
N GLU B 292 14.43 9.72 -2.47
CA GLU B 292 13.00 9.49 -2.40
C GLU B 292 12.30 10.64 -1.68
N ASP B 293 11.13 11.07 -2.21
CA ASP B 293 10.41 12.20 -1.61
C ASP B 293 8.97 11.91 -1.24
N GLU B 294 8.57 10.64 -1.20
CA GLU B 294 7.20 10.30 -0.86
C GLU B 294 7.07 9.51 0.44
N PHE B 295 8.11 9.52 1.27
CA PHE B 295 8.03 9.04 2.64
C PHE B 295 8.14 10.22 3.60
N THR B 296 7.11 10.43 4.42
CA THR B 296 7.13 11.52 5.36
C THR B 296 7.96 11.14 6.58
N PRO B 297 8.25 12.10 7.44
CA PRO B 297 8.89 11.75 8.71
C PRO B 297 8.12 10.71 9.50
N PHE B 298 6.79 10.78 9.48
CA PHE B 298 5.97 9.80 10.18
C PHE B 298 6.13 8.42 9.55
N ASP B 299 6.13 8.35 8.22
CA ASP B 299 6.30 7.07 7.54
C ASP B 299 7.64 6.44 7.91
N VAL B 300 8.69 7.25 8.01
CA VAL B 300 10.01 6.71 8.30
C VAL B 300 10.04 6.14 9.71
N VAL B 301 9.52 6.88 10.68
CA VAL B 301 9.52 6.38 12.06
C VAL B 301 8.70 5.09 12.15
N ARG B 302 7.56 5.03 11.46
CA ARG B 302 6.75 3.83 11.46
C ARG B 302 7.54 2.63 10.94
N GLN B 303 8.28 2.79 9.85
CA GLN B 303 8.98 1.66 9.26
C GLN B 303 10.31 1.34 9.95
N CYS B 304 10.92 2.30 10.63
CA CYS B 304 12.18 2.07 11.32
C CYS B 304 11.97 1.59 12.75
N SER B 305 10.95 2.11 13.42
CA SER B 305 10.78 1.90 14.84
C SER B 305 9.45 1.25 15.22
N GLY B 306 8.48 1.19 14.32
CA GLY B 306 7.21 0.55 14.63
C GLY B 306 6.29 1.48 15.39
#